data_4UW3
#
_entry.id   4UW3
#
_cell.length_a   30.410
_cell.length_b   65.390
_cell.length_c   114.107
_cell.angle_alpha   90.00
_cell.angle_beta   90.00
_cell.angle_gamma   90.00
#
_symmetry.space_group_name_H-M   'P 21 21 21'
#
loop_
_entity.id
_entity.type
_entity.pdbx_description
1 polymer 'HUMAN GALECTIN-7'
2 non-polymer DENDRON-D1
3 water water
#
_entity_poly.entity_id   1
_entity_poly.type   'polypeptide(L)'
_entity_poly.pdbx_seq_one_letter_code
;MSNVPHKSSLPEGIRPGTVLRIRGLVPPNASRFHVNLLCGEEQGSDAALHFNPRLDTSEVVFNSKEQGSWGREERGPGVP
FQRGQPFEVLIIASDDGFKAVVGDAQYHHFRHRLPLARVRLVEVGGDVQLDSVRIF
;
_entity_poly.pdbx_strand_id   A,B
#
loop_
_chem_comp.id
_chem_comp.type
_chem_comp.name
_chem_comp.formula
50G non-polymer DENDRON-D1 'C31 H50 N10 O18'
#
# COMPACT_ATOMS: atom_id res chain seq x y z
N ASN A 3 -2.52 23.43 -2.35
CA ASN A 3 -3.63 24.35 -2.13
C ASN A 3 -4.36 24.05 -0.82
N VAL A 4 -5.26 23.08 -0.83
CA VAL A 4 -5.97 22.67 0.38
C VAL A 4 -5.29 21.48 1.04
N PRO A 5 -4.93 21.63 2.33
CA PRO A 5 -4.24 20.52 2.99
C PRO A 5 -5.20 19.40 3.40
N HIS A 6 -4.61 18.28 3.80
CA HIS A 6 -5.38 17.14 4.30
C HIS A 6 -5.22 17.07 5.80
N LYS A 7 -6.32 16.80 6.50
CA LYS A 7 -6.25 16.44 7.90
C LYS A 7 -7.40 15.52 8.22
N SER A 8 -7.11 14.32 8.71
CA SER A 8 -8.20 13.40 9.01
C SER A 8 -7.90 12.49 10.18
N SER A 9 -8.97 12.10 10.85
CA SER A 9 -8.93 11.23 12.00
C SER A 9 -8.96 9.79 11.59
N LEU A 10 -8.32 8.95 12.41
CA LEU A 10 -8.20 7.53 12.13
C LEU A 10 -8.93 6.72 13.20
N PRO A 11 -10.18 6.33 12.93
CA PRO A 11 -10.94 5.62 13.97
C PRO A 11 -10.35 4.28 14.39
N GLU A 12 -9.49 3.68 13.58
CA GLU A 12 -8.88 2.40 13.90
C GLU A 12 -7.39 2.60 14.07
N GLY A 13 -6.97 3.86 14.11
CA GLY A 13 -5.54 4.19 14.13
C GLY A 13 -4.80 3.68 12.88
N ILE A 14 -3.49 3.47 13.04
CA ILE A 14 -2.67 2.84 12.02
C ILE A 14 -2.22 1.50 12.59
N ARG A 15 -2.64 0.42 11.97
CA ARG A 15 -2.24 -0.92 12.42
C ARG A 15 -1.19 -1.48 11.48
N PRO A 16 -0.46 -2.50 11.92
CA PRO A 16 0.45 -3.13 10.97
C PRO A 16 -0.31 -3.61 9.74
N GLY A 17 0.18 -3.26 8.56
CA GLY A 17 -0.57 -3.52 7.35
C GLY A 17 -1.46 -2.36 6.90
N THR A 18 -1.32 -1.20 7.52
CA THR A 18 -2.03 -0.02 7.04
C THR A 18 -1.15 0.73 6.04
N VAL A 19 -1.76 1.15 4.94
CA VAL A 19 -1.04 1.89 3.90
C VAL A 19 -1.68 3.25 3.74
N LEU A 20 -0.85 4.28 3.82
CA LEU A 20 -1.24 5.64 3.48
C LEU A 20 -0.69 5.91 2.08
N ARG A 21 -1.58 6.20 1.15
CA ARG A 21 -1.14 6.54 -0.19
C ARG A 21 -1.44 7.99 -0.49
N ILE A 22 -0.41 8.70 -0.91
CA ILE A 22 -0.54 10.11 -1.23
C ILE A 22 -0.12 10.31 -2.69
N ARG A 23 -1.04 10.82 -3.49
CA ARG A 23 -0.76 11.17 -4.87
C ARG A 23 -0.95 12.64 -5.03
N GLY A 24 -0.01 13.29 -5.71
CA GLY A 24 -0.17 14.71 -5.94
C GLY A 24 0.92 15.22 -6.84
N LEU A 25 1.15 16.52 -6.75
CA LEU A 25 2.14 17.18 -7.58
C LEU A 25 2.86 18.21 -6.73
N VAL A 26 4.18 18.25 -6.90
CA VAL A 26 4.98 19.25 -6.22
C VAL A 26 4.88 20.53 -7.02
N PRO A 27 4.37 21.61 -6.43
CA PRO A 27 4.16 22.80 -7.27
C PRO A 27 5.47 23.39 -7.79
N PRO A 28 5.37 24.13 -8.90
CA PRO A 28 6.55 24.79 -9.47
C PRO A 28 7.30 25.67 -8.49
N ASN A 29 6.61 26.20 -7.48
CA ASN A 29 7.25 27.12 -6.53
C ASN A 29 7.50 26.47 -5.18
N ALA A 30 7.48 25.14 -5.13
CA ALA A 30 7.56 24.45 -3.83
C ALA A 30 8.86 24.68 -3.05
N SER A 31 8.73 24.90 -1.75
CA SER A 31 9.87 24.88 -0.83
C SER A 31 9.92 23.54 -0.12
N ARG A 32 8.84 23.19 0.56
CA ARG A 32 8.80 21.92 1.30
C ARG A 32 7.37 21.56 1.61
N PHE A 33 7.13 20.28 1.86
CA PHE A 33 5.83 19.82 2.31
C PHE A 33 6.02 18.67 3.26
N HIS A 34 4.96 18.30 3.97
CA HIS A 34 5.06 17.32 5.03
C HIS A 34 3.88 16.38 5.07
N VAL A 35 4.14 15.16 5.52
CA VAL A 35 3.14 14.19 5.91
C VAL A 35 3.39 13.86 7.37
N ASN A 36 2.42 14.12 8.23
CA ASN A 36 2.55 13.82 9.66
C ASN A 36 1.57 12.76 10.10
N LEU A 37 2.03 11.85 10.95
CA LEU A 37 1.18 10.92 11.66
C LEU A 37 1.22 11.35 13.11
N LEU A 38 0.12 11.92 13.59
CA LEU A 38 0.09 12.56 14.91
C LEU A 38 -0.69 11.74 15.91
N CYS A 39 -0.37 11.96 17.18
CA CYS A 39 -0.96 11.15 18.25
C CYS A 39 -2.14 11.80 18.97
N GLY A 40 -2.60 12.94 18.45
CA GLY A 40 -3.76 13.62 19.02
C GLY A 40 -4.24 14.73 18.12
N GLU A 41 -5.35 15.35 18.50
CA GLU A 41 -5.97 16.39 17.68
C GLU A 41 -5.45 17.77 18.04
N GLU A 42 -4.92 17.88 19.26
CA GLU A 42 -4.56 19.17 19.81
C GLU A 42 -3.28 19.72 19.20
N GLN A 43 -3.15 21.04 19.24
CA GLN A 43 -1.96 21.71 18.74
C GLN A 43 -0.71 21.21 19.44
N GLY A 44 0.29 20.83 18.65
CA GLY A 44 1.55 20.36 19.19
C GLY A 44 1.53 18.93 19.69
N SER A 45 0.58 18.14 19.20
CA SER A 45 0.55 16.72 19.55
C SER A 45 1.84 16.03 19.14
N ASP A 46 2.16 14.95 19.82
CA ASP A 46 3.31 14.13 19.47
C ASP A 46 3.16 13.61 18.05
N ALA A 47 4.30 13.49 17.35
CA ALA A 47 4.35 12.98 15.99
C ALA A 47 5.13 11.69 15.95
N ALA A 48 4.47 10.59 15.57
CA ALA A 48 5.15 9.30 15.40
C ALA A 48 5.99 9.36 14.14
N LEU A 49 5.52 10.10 13.14
CA LEU A 49 6.24 10.26 11.88
C LEU A 49 6.00 11.65 11.34
N HIS A 50 7.09 12.32 11.00
CA HIS A 50 7.12 13.55 10.24
C HIS A 50 7.98 13.27 9.02
N PHE A 51 7.37 13.27 7.85
CA PHE A 51 8.03 12.95 6.58
C PHE A 51 8.05 14.26 5.80
N ASN A 52 9.22 14.80 5.53
CA ASN A 52 9.34 16.19 5.12
C ASN A 52 10.26 16.36 3.91
N PRO A 53 9.74 16.16 2.69
CA PRO A 53 10.52 16.53 1.50
C PRO A 53 10.80 18.02 1.46
N ARG A 54 12.07 18.37 1.32
CA ARG A 54 12.50 19.76 1.29
C ARG A 54 13.16 20.05 -0.05
N LEU A 55 12.44 20.71 -0.94
CA LEU A 55 12.99 21.07 -2.25
C LEU A 55 14.01 22.20 -2.08
N ASP A 56 13.74 23.12 -1.17
CA ASP A 56 14.61 24.31 -0.99
C ASP A 56 15.99 23.94 -0.48
N THR A 57 16.11 22.87 0.30
CA THR A 57 17.40 22.47 0.84
C THR A 57 17.84 21.09 0.34
N SER A 58 17.14 20.59 -0.69
CA SER A 58 17.48 19.32 -1.36
C SER A 58 17.73 18.17 -0.40
N GLU A 59 16.71 17.81 0.37
CA GLU A 59 16.80 16.72 1.35
C GLU A 59 15.40 16.25 1.69
N VAL A 60 15.27 15.00 2.12
CA VAL A 60 14.01 14.52 2.70
C VAL A 60 14.31 14.11 4.14
N VAL A 61 13.68 14.82 5.08
CA VAL A 61 13.91 14.59 6.50
C VAL A 61 12.76 13.77 7.08
N PHE A 62 13.12 12.81 7.91
CA PHE A 62 12.22 12.00 8.72
C PHE A 62 12.49 12.33 10.17
N ASN A 63 11.45 12.53 10.98
CA ASN A 63 11.67 12.72 12.40
C ASN A 63 10.42 12.36 13.18
N SER A 64 10.55 12.37 14.50
CA SER A 64 9.43 12.21 15.41
C SER A 64 9.44 13.42 16.34
N LYS A 65 8.35 13.63 17.04
CA LYS A 65 8.25 14.74 17.98
C LYS A 65 7.56 14.25 19.23
N GLU A 66 8.17 14.52 20.39
CA GLU A 66 7.57 14.14 21.66
C GLU A 66 7.70 15.31 22.62
N GLN A 67 6.59 15.65 23.27
CA GLN A 67 6.55 16.74 24.24
C GLN A 67 7.14 18.03 23.72
N GLY A 68 6.82 18.34 22.46
CA GLY A 68 7.22 19.59 21.85
C GLY A 68 8.61 19.59 21.27
N SER A 69 9.35 18.50 21.45
CA SER A 69 10.74 18.42 21.02
C SER A 69 10.94 17.46 19.85
N TRP A 70 11.55 17.95 18.77
CA TRP A 70 11.94 17.09 17.66
C TRP A 70 13.03 16.12 18.09
N GLY A 71 12.94 14.90 17.59
CA GLY A 71 13.94 13.88 17.85
C GLY A 71 15.13 13.92 16.91
N ARG A 72 15.75 12.76 16.77
CA ARG A 72 16.89 12.56 15.87
C ARG A 72 16.45 12.60 14.40
N GLU A 73 17.00 13.53 13.62
CA GLU A 73 16.66 13.58 12.20
C GLU A 73 17.29 12.42 11.44
N GLU A 74 16.49 11.77 10.60
CA GLU A 74 17.01 10.87 9.60
C GLU A 74 16.80 11.50 8.23
N ARG A 75 17.71 11.20 7.33
CA ARG A 75 17.59 11.69 5.98
C ARG A 75 17.58 10.54 4.98
N GLY A 76 16.72 10.64 3.99
CA GLY A 76 16.67 9.63 2.96
C GLY A 76 17.79 9.83 1.95
N PRO A 77 18.05 8.82 1.13
CA PRO A 77 19.10 8.90 0.11
C PRO A 77 18.63 9.62 -1.14
N GLY A 78 19.07 10.85 -1.32
CA GLY A 78 18.67 11.65 -2.45
C GLY A 78 17.29 12.26 -2.22
N VAL A 79 16.79 12.92 -3.25
CA VAL A 79 15.51 13.61 -3.16
C VAL A 79 14.64 13.22 -4.35
N PRO A 80 13.74 12.26 -4.16
CA PRO A 80 12.92 11.75 -5.27
C PRO A 80 11.67 12.58 -5.49
N PHE A 81 11.83 13.89 -5.44
CA PHE A 81 10.75 14.86 -5.69
C PHE A 81 11.34 16.01 -6.45
N GLN A 82 10.61 16.56 -7.42
CA GLN A 82 11.07 17.73 -8.14
C GLN A 82 9.92 18.67 -8.39
N ARG A 83 10.25 19.95 -8.45
CA ARG A 83 9.23 20.96 -8.72
C ARG A 83 8.52 20.73 -10.05
N GLY A 84 7.20 20.87 -10.03
CA GLY A 84 6.38 20.67 -11.20
C GLY A 84 6.02 19.22 -11.50
N GLN A 85 6.52 18.28 -10.69
CA GLN A 85 6.37 16.88 -11.04
C GLN A 85 5.37 16.15 -10.13
N PRO A 86 4.51 15.32 -10.74
CA PRO A 86 3.62 14.45 -9.98
C PRO A 86 4.44 13.45 -9.16
N PHE A 87 3.82 12.98 -8.07
CA PHE A 87 4.48 11.98 -7.25
C PHE A 87 3.45 11.05 -6.65
N GLU A 88 3.92 9.91 -6.21
CA GLU A 88 3.13 8.94 -5.49
C GLU A 88 3.97 8.44 -4.33
N VAL A 89 3.44 8.55 -3.12
CA VAL A 89 4.11 8.07 -1.93
C VAL A 89 3.23 7.02 -1.25
N LEU A 90 3.83 5.90 -0.87
CA LEU A 90 3.21 4.98 0.08
C LEU A 90 3.96 5.09 1.39
N ILE A 91 3.22 5.26 2.48
CA ILE A 91 3.77 5.11 3.81
C ILE A 91 3.12 3.84 4.37
N ILE A 92 3.92 2.81 4.57
CA ILE A 92 3.44 1.49 4.93
C ILE A 92 3.87 1.14 6.36
N ALA A 93 2.91 0.87 7.22
CA ALA A 93 3.21 0.53 8.61
C ALA A 93 3.36 -0.96 8.81
N SER A 94 4.41 -1.33 9.52
CA SER A 94 4.57 -2.70 10.00
C SER A 94 4.81 -2.64 11.49
N ASP A 95 5.03 -3.80 12.11
CA ASP A 95 5.41 -3.86 13.51
C ASP A 95 6.74 -3.16 13.80
N ASP A 96 7.62 -3.10 12.80
CA ASP A 96 8.95 -2.57 13.02
C ASP A 96 9.13 -1.10 12.65
N GLY A 97 8.33 -0.58 11.74
CA GLY A 97 8.50 0.81 11.37
C GLY A 97 7.61 1.21 10.23
N PHE A 98 7.94 2.36 9.63
CA PHE A 98 7.26 2.87 8.45
C PHE A 98 8.18 2.76 7.25
N LYS A 99 7.70 2.16 6.16
N LYS A 99 7.69 2.13 6.20
CA LYS A 99 8.50 2.15 4.94
CA LYS A 99 8.39 2.13 4.92
C LYS A 99 7.90 3.10 3.93
C LYS A 99 7.83 3.25 4.06
N ALA A 100 8.71 4.08 3.52
CA ALA A 100 8.30 5.08 2.55
C ALA A 100 8.70 4.58 1.16
N VAL A 101 7.71 4.43 0.29
CA VAL A 101 7.92 4.08 -1.11
C VAL A 101 7.64 5.33 -1.92
N VAL A 102 8.57 5.76 -2.76
CA VAL A 102 8.31 6.91 -3.62
C VAL A 102 8.41 6.42 -5.06
N GLY A 103 7.37 6.68 -5.85
CA GLY A 103 7.33 6.15 -7.20
C GLY A 103 7.36 4.63 -7.16
N ASP A 104 8.29 4.03 -7.88
CA ASP A 104 8.38 2.57 -7.95
C ASP A 104 9.51 2.01 -7.10
N ALA A 105 10.00 2.79 -6.15
CA ALA A 105 11.16 2.35 -5.40
C ALA A 105 10.99 2.55 -3.91
N GLN A 106 11.27 1.50 -3.14
CA GLN A 106 11.45 1.66 -1.70
C GLN A 106 12.50 2.75 -1.48
N TYR A 107 12.19 3.68 -0.60
CA TYR A 107 13.04 4.85 -0.39
C TYR A 107 13.74 4.84 0.98
N HIS A 108 12.99 4.66 2.07
CA HIS A 108 13.58 4.71 3.40
C HIS A 108 12.71 3.95 4.40
N HIS A 109 13.37 3.29 5.34
CA HIS A 109 12.70 2.59 6.42
C HIS A 109 12.93 3.35 7.71
N PHE A 110 11.86 3.93 8.27
CA PHE A 110 11.90 4.72 9.50
C PHE A 110 11.38 3.88 10.64
N ARG A 111 12.27 3.38 11.51
CA ARG A 111 11.81 2.51 12.59
C ARG A 111 11.06 3.31 13.66
N HIS A 112 10.11 2.65 14.32
CA HIS A 112 9.28 3.34 15.31
C HIS A 112 10.08 3.90 16.48
N ARG A 113 9.79 5.15 16.83
CA ARG A 113 10.27 5.73 18.09
C ARG A 113 9.15 5.70 19.13
N LEU A 114 7.95 6.08 18.69
CA LEU A 114 6.75 6.07 19.51
C LEU A 114 5.97 4.81 19.18
N PRO A 115 5.16 4.30 20.11
CA PRO A 115 4.33 3.16 19.70
C PRO A 115 3.35 3.51 18.59
N LEU A 116 3.29 2.67 17.57
CA LEU A 116 2.40 2.85 16.44
C LEU A 116 0.95 3.04 16.87
N ALA A 117 0.57 2.35 17.93
CA ALA A 117 -0.82 2.40 18.39
C ALA A 117 -1.24 3.79 18.87
N ARG A 118 -0.29 4.68 19.07
CA ARG A 118 -0.61 6.05 19.50
C ARG A 118 -1.16 6.94 18.39
N VAL A 119 -0.88 6.59 17.13
CA VAL A 119 -1.29 7.45 16.03
C VAL A 119 -2.80 7.52 15.88
N ARG A 120 -3.36 8.73 15.77
CA ARG A 120 -4.77 8.79 15.40
C ARG A 120 -5.18 9.94 14.49
N LEU A 121 -4.19 10.63 13.90
CA LEU A 121 -4.46 11.70 12.94
C LEU A 121 -3.41 11.66 11.85
N VAL A 122 -3.84 11.92 10.62
CA VAL A 122 -2.88 12.14 9.53
C VAL A 122 -3.06 13.55 8.98
N GLU A 123 -1.96 14.26 8.76
CA GLU A 123 -2.04 15.54 8.09
C GLU A 123 -1.01 15.64 6.98
N VAL A 124 -1.41 16.29 5.90
CA VAL A 124 -0.55 16.51 4.75
C VAL A 124 -0.68 17.96 4.36
N GLY A 125 0.43 18.70 4.34
CA GLY A 125 0.36 20.12 4.02
C GLY A 125 1.68 20.71 3.60
N GLY A 126 1.73 22.03 3.51
CA GLY A 126 2.90 22.72 2.98
C GLY A 126 2.70 22.94 1.50
N ASP A 127 3.81 23.01 0.77
CA ASP A 127 3.78 23.26 -0.67
C ASP A 127 3.51 21.98 -1.44
N VAL A 128 2.24 21.62 -1.59
CA VAL A 128 1.87 20.38 -2.25
C VAL A 128 0.46 20.49 -2.80
N GLN A 129 0.25 19.96 -4.00
CA GLN A 129 -1.08 19.90 -4.60
C GLN A 129 -1.51 18.45 -4.55
N LEU A 130 -2.56 18.16 -3.80
CA LEU A 130 -2.95 16.77 -3.60
C LEU A 130 -3.99 16.30 -4.62
N ASP A 131 -3.75 15.12 -5.19
CA ASP A 131 -4.75 14.49 -6.04
C ASP A 131 -5.63 13.56 -5.22
N SER A 132 -5.01 12.79 -4.33
CA SER A 132 -5.73 11.90 -3.43
C SER A 132 -4.87 11.53 -2.22
N VAL A 133 -5.54 11.44 -1.07
CA VAL A 133 -4.95 10.90 0.13
C VAL A 133 -5.87 9.77 0.58
N ARG A 134 -5.32 8.56 0.68
CA ARG A 134 -6.11 7.40 1.04
C ARG A 134 -5.44 6.63 2.16
N ILE A 135 -6.22 6.17 3.12
CA ILE A 135 -5.75 5.30 4.17
C ILE A 135 -6.40 3.94 3.95
N PHE A 136 -5.56 2.95 3.63
CA PHE A 136 -6.02 1.59 3.39
C PHE A 136 -5.60 0.70 4.55
N PRO B 5 1.75 -17.78 -16.88
CA PRO B 5 1.87 -17.74 -15.42
C PRO B 5 3.08 -16.94 -14.94
N HIS B 6 2.84 -15.71 -14.50
CA HIS B 6 3.90 -14.84 -13.99
C HIS B 6 4.14 -15.10 -12.51
N LYS B 7 5.41 -15.25 -12.11
CA LYS B 7 5.76 -15.66 -10.75
C LYS B 7 6.70 -14.68 -10.07
N SER B 8 6.40 -14.36 -8.82
CA SER B 8 7.24 -13.52 -7.98
C SER B 8 7.41 -14.23 -6.64
N SER B 9 8.63 -14.56 -6.26
CA SER B 9 8.82 -15.32 -5.04
C SER B 9 8.78 -14.43 -3.81
N LEU B 10 8.33 -15.03 -2.71
CA LEU B 10 8.40 -14.43 -1.38
C LEU B 10 9.11 -15.42 -0.47
N PRO B 11 10.43 -15.61 -0.70
CA PRO B 11 11.18 -16.71 -0.07
C PRO B 11 11.25 -16.60 1.45
N GLU B 12 11.14 -15.39 1.99
CA GLU B 12 11.21 -15.18 3.41
C GLU B 12 9.81 -15.04 4.00
N GLY B 13 8.80 -15.28 3.15
CA GLY B 13 7.42 -15.10 3.57
C GLY B 13 7.04 -13.63 3.65
N ILE B 14 5.81 -13.39 4.08
CA ILE B 14 5.31 -12.03 4.23
C ILE B 14 4.74 -11.87 5.63
N ARG B 15 4.58 -10.62 6.03
CA ARG B 15 4.16 -10.29 7.38
C ARG B 15 3.17 -9.16 7.29
N PRO B 16 2.47 -8.86 8.38
CA PRO B 16 1.61 -7.66 8.33
C PRO B 16 2.44 -6.45 7.94
N GLY B 17 1.98 -5.73 6.91
CA GLY B 17 2.76 -4.67 6.34
C GLY B 17 3.29 -4.95 4.94
N THR B 18 3.21 -6.21 4.50
CA THR B 18 3.62 -6.53 3.14
C THR B 18 2.59 -5.99 2.15
N VAL B 19 3.07 -5.27 1.14
CA VAL B 19 2.22 -4.74 0.10
C VAL B 19 2.63 -5.29 -1.26
N LEU B 20 1.68 -5.87 -1.97
CA LEU B 20 1.89 -6.29 -3.36
C LEU B 20 1.19 -5.30 -4.29
N ARG B 21 1.94 -4.70 -5.18
CA ARG B 21 1.38 -3.77 -6.15
C ARG B 21 1.45 -4.38 -7.54
N ILE B 22 0.28 -4.57 -8.14
CA ILE B 22 0.17 -5.19 -9.45
C ILE B 22 -0.39 -4.19 -10.44
N ARG B 23 0.37 -3.91 -11.49
CA ARG B 23 -0.04 -2.97 -12.53
C ARG B 23 -0.12 -3.68 -13.86
N GLY B 24 -1.17 -3.39 -14.61
CA GLY B 24 -1.27 -3.99 -15.91
C GLY B 24 -2.43 -3.44 -16.68
N LEU B 25 -2.82 -4.20 -17.69
CA LEU B 25 -3.86 -3.80 -18.61
C LEU B 25 -4.73 -4.99 -18.87
N VAL B 26 -6.04 -4.78 -18.87
CA VAL B 26 -6.96 -5.82 -19.30
C VAL B 26 -7.17 -5.68 -20.82
N PRO B 27 -6.64 -6.62 -21.61
CA PRO B 27 -6.79 -6.48 -23.07
C PRO B 27 -8.24 -6.60 -23.52
N PRO B 28 -8.55 -6.09 -24.73
CA PRO B 28 -9.93 -6.15 -25.22
C PRO B 28 -10.48 -7.58 -25.34
N ASN B 29 -9.62 -8.57 -25.60
CA ASN B 29 -10.10 -9.94 -25.74
C ASN B 29 -10.01 -10.75 -24.45
N ALA B 30 -10.05 -10.06 -23.31
CA ALA B 30 -9.91 -10.71 -22.00
C ALA B 30 -11.25 -11.10 -21.38
N SER B 31 -11.25 -12.23 -20.67
CA SER B 31 -12.44 -12.68 -19.95
C SER B 31 -12.22 -12.67 -18.45
N ARG B 32 -11.10 -13.22 -18.01
CA ARG B 32 -10.78 -13.27 -16.58
C ARG B 32 -9.30 -13.51 -16.34
N PHE B 33 -8.81 -13.03 -15.20
CA PHE B 33 -7.43 -13.23 -14.80
C PHE B 33 -7.40 -13.34 -13.29
N HIS B 34 -6.28 -13.77 -12.74
CA HIS B 34 -6.22 -13.94 -11.30
C HIS B 34 -4.84 -13.67 -10.72
N VAL B 35 -4.83 -13.34 -9.43
CA VAL B 35 -3.62 -13.23 -8.63
C VAL B 35 -3.75 -14.26 -7.52
N ASN B 36 -2.79 -15.18 -7.43
CA ASN B 36 -2.78 -16.17 -6.38
C ASN B 36 -1.63 -15.92 -5.43
N LEU B 37 -1.89 -16.07 -4.13
CA LEU B 37 -0.84 -16.16 -3.14
C LEU B 37 -0.74 -17.61 -2.72
N LEU B 38 0.37 -18.24 -3.10
CA LEU B 38 0.55 -19.67 -2.91
C LEU B 38 1.51 -19.95 -1.77
N CYS B 39 1.40 -21.15 -1.23
CA CYS B 39 2.18 -21.55 -0.05
C CYS B 39 3.50 -22.24 -0.37
N GLY B 40 3.91 -22.23 -1.64
CA GLY B 40 5.13 -22.91 -2.00
C GLY B 40 5.32 -22.88 -3.48
N GLU B 41 6.50 -23.27 -3.94
CA GLU B 41 6.86 -23.20 -5.35
C GLU B 41 6.44 -24.45 -6.11
N GLU B 42 6.17 -25.51 -5.38
CA GLU B 42 5.94 -26.81 -5.97
C GLU B 42 4.53 -27.01 -6.52
N GLN B 43 4.42 -27.93 -7.47
CA GLN B 43 3.14 -28.36 -8.01
C GLN B 43 2.18 -28.74 -6.89
N GLY B 44 0.97 -28.17 -6.91
CA GLY B 44 -0.04 -28.54 -5.95
C GLY B 44 -0.06 -27.75 -4.64
N SER B 45 0.74 -26.69 -4.56
CA SER B 45 0.76 -25.87 -3.35
C SER B 45 -0.59 -25.20 -3.10
N ASP B 46 -0.97 -25.13 -1.82
CA ASP B 46 -2.20 -24.44 -1.42
C ASP B 46 -2.20 -22.95 -1.76
N ALA B 47 -3.40 -22.42 -1.99
CA ALA B 47 -3.57 -21.00 -2.26
C ALA B 47 -4.21 -20.33 -1.04
N ALA B 48 -3.44 -19.48 -0.38
CA ALA B 48 -3.97 -18.69 0.72
C ALA B 48 -4.97 -17.67 0.20
N LEU B 49 -4.76 -17.20 -1.03
CA LEU B 49 -5.63 -16.23 -1.66
C LEU B 49 -5.67 -16.45 -3.14
N HIS B 50 -6.88 -16.45 -3.69
CA HIS B 50 -7.12 -16.47 -5.12
C HIS B 50 -8.02 -15.25 -5.37
N PHE B 51 -7.50 -14.27 -6.11
CA PHE B 51 -8.18 -13.02 -6.41
C PHE B 51 -8.48 -13.00 -7.90
N ASN B 52 -9.76 -13.07 -8.28
CA ASN B 52 -10.13 -13.43 -9.65
C ASN B 52 -11.17 -12.50 -10.29
N PRO B 53 -10.70 -11.38 -10.88
CA PRO B 53 -11.59 -10.55 -11.69
C PRO B 53 -12.11 -11.31 -12.89
N ARG B 54 -13.42 -11.27 -13.07
CA ARG B 54 -14.08 -11.95 -14.18
C ARG B 54 -14.92 -10.95 -14.95
N LEU B 55 -14.43 -10.52 -16.11
CA LEU B 55 -15.16 -9.50 -16.86
C LEU B 55 -16.30 -10.14 -17.64
N ASP B 56 -16.22 -11.45 -17.88
CA ASP B 56 -17.27 -12.15 -18.61
C ASP B 56 -18.54 -12.31 -17.78
N THR B 57 -18.40 -12.51 -16.47
CA THR B 57 -19.55 -12.63 -15.59
C THR B 57 -19.72 -11.42 -14.65
N SER B 58 -18.96 -10.36 -14.91
CA SER B 58 -19.06 -9.07 -14.21
C SER B 58 -18.94 -9.17 -12.69
N GLU B 59 -17.90 -9.83 -12.23
CA GLU B 59 -17.74 -10.09 -10.80
C GLU B 59 -16.27 -10.24 -10.45
N VAL B 60 -15.95 -10.17 -9.16
CA VAL B 60 -14.61 -10.49 -8.69
C VAL B 60 -14.77 -11.54 -7.60
N VAL B 61 -14.18 -12.72 -7.83
CA VAL B 61 -14.28 -13.83 -6.90
C VAL B 61 -13.00 -13.98 -6.10
N PHE B 62 -13.16 -14.09 -4.78
CA PHE B 62 -12.07 -14.41 -3.86
C PHE B 62 -12.27 -15.83 -3.36
N ASN B 63 -11.18 -16.56 -3.22
CA ASN B 63 -11.26 -17.88 -2.61
C ASN B 63 -9.91 -18.32 -2.09
N SER B 64 -9.90 -19.49 -1.46
CA SER B 64 -8.67 -20.17 -1.06
C SER B 64 -8.74 -21.55 -1.64
N LYS B 65 -7.61 -22.26 -1.65
CA LYS B 65 -7.60 -23.63 -2.14
C LYS B 65 -6.72 -24.44 -1.21
N GLU B 66 -7.27 -25.48 -0.59
CA GLU B 66 -6.54 -26.34 0.33
C GLU B 66 -6.76 -27.80 -0.01
N GLN B 67 -5.67 -28.56 -0.04
CA GLN B 67 -5.71 -29.97 -0.42
C GLN B 67 -6.46 -30.17 -1.74
N GLY B 68 -6.30 -29.23 -2.66
CA GLY B 68 -6.89 -29.37 -3.97
C GLY B 68 -8.37 -29.04 -4.09
N SER B 69 -8.97 -28.58 -3.00
CA SER B 69 -10.37 -28.15 -3.00
C SER B 69 -10.54 -26.66 -2.84
N TRP B 70 -11.34 -26.07 -3.72
CA TRP B 70 -11.73 -24.68 -3.56
C TRP B 70 -12.56 -24.50 -2.32
N GLY B 71 -12.34 -23.40 -1.61
CA GLY B 71 -13.11 -23.10 -0.43
C GLY B 71 -14.38 -22.36 -0.78
N ARG B 72 -14.86 -21.61 0.19
CA ARG B 72 -16.05 -20.78 0.07
C ARG B 72 -15.76 -19.53 -0.76
N GLU B 73 -16.53 -19.28 -1.80
CA GLU B 73 -16.32 -18.09 -2.62
C GLU B 73 -16.80 -16.83 -1.90
N GLU B 74 -16.06 -15.74 -2.07
CA GLU B 74 -16.47 -14.41 -1.64
C GLU B 74 -16.48 -13.50 -2.86
N ARG B 75 -17.58 -12.81 -3.09
CA ARG B 75 -17.65 -11.82 -4.16
C ARG B 75 -17.74 -10.42 -3.59
N GLY B 76 -16.97 -9.50 -4.17
CA GLY B 76 -16.95 -8.11 -3.75
C GLY B 76 -17.93 -7.26 -4.51
N PRO B 77 -17.89 -5.92 -4.29
CA PRO B 77 -18.84 -4.96 -4.88
C PRO B 77 -18.59 -4.63 -6.35
N GLY B 78 -19.16 -5.42 -7.23
CA GLY B 78 -19.09 -5.15 -8.65
C GLY B 78 -17.76 -5.57 -9.26
N VAL B 79 -17.42 -4.96 -10.38
CA VAL B 79 -16.17 -5.28 -11.06
C VAL B 79 -15.44 -4.00 -11.47
N PRO B 80 -14.42 -3.62 -10.70
CA PRO B 80 -13.67 -2.39 -10.92
C PRO B 80 -12.57 -2.55 -11.98
N PHE B 81 -12.90 -3.28 -13.04
CA PHE B 81 -11.99 -3.49 -14.17
C PHE B 81 -12.79 -3.34 -15.44
N GLN B 82 -12.15 -2.82 -16.47
CA GLN B 82 -12.78 -2.69 -17.77
C GLN B 82 -11.82 -3.12 -18.87
N ARG B 83 -12.36 -3.79 -19.90
CA ARG B 83 -11.58 -4.20 -21.06
C ARG B 83 -10.93 -2.97 -21.69
N GLY B 84 -9.64 -3.10 -22.00
CA GLY B 84 -8.91 -2.03 -22.63
C GLY B 84 -8.40 -0.96 -21.68
N GLN B 85 -8.61 -1.15 -20.38
CA GLN B 85 -8.22 -0.14 -19.40
C GLN B 85 -7.12 -0.63 -18.47
N PRO B 86 -6.15 0.25 -18.17
CA PRO B 86 -5.09 -0.05 -17.21
C PRO B 86 -5.65 -0.16 -15.80
N PHE B 87 -5.02 -0.97 -14.98
CA PHE B 87 -5.45 -1.12 -13.60
C PHE B 87 -4.25 -1.14 -12.67
N GLU B 88 -4.51 -0.80 -11.42
CA GLU B 88 -3.56 -1.01 -10.35
C GLU B 88 -4.27 -1.65 -9.17
N VAL B 89 -3.73 -2.78 -8.74
CA VAL B 89 -4.25 -3.51 -7.60
C VAL B 89 -3.20 -3.48 -6.49
N LEU B 90 -3.64 -3.22 -5.27
CA LEU B 90 -2.82 -3.47 -4.10
C LEU B 90 -3.40 -4.63 -3.32
N ILE B 91 -2.56 -5.56 -2.92
N ILE B 91 -2.56 -5.56 -2.94
CA ILE B 91 -2.96 -6.60 -1.98
CA ILE B 91 -2.92 -6.60 -1.99
C ILE B 91 -2.10 -6.43 -0.75
C ILE B 91 -2.08 -6.30 -0.77
N ILE B 92 -2.74 -6.00 0.34
CA ILE B 92 -2.06 -5.58 1.54
C ILE B 92 -2.31 -6.60 2.64
N ALA B 93 -1.25 -7.13 3.24
CA ALA B 93 -1.39 -8.09 4.33
C ALA B 93 -1.46 -7.42 5.69
N SER B 94 -2.44 -7.80 6.48
CA SER B 94 -2.49 -7.40 7.88
C SER B 94 -2.60 -8.65 8.72
N ASP B 95 -2.71 -8.49 10.03
CA ASP B 95 -2.90 -9.65 10.87
C ASP B 95 -4.28 -10.26 10.67
N ASP B 96 -5.24 -9.46 10.19
CA ASP B 96 -6.61 -9.91 10.03
C ASP B 96 -6.87 -10.56 8.67
N GLY B 97 -6.20 -10.09 7.63
CA GLY B 97 -6.50 -10.63 6.32
C GLY B 97 -5.76 -9.89 5.23
N PHE B 98 -6.27 -10.03 4.01
CA PHE B 98 -5.75 -9.31 2.86
C PHE B 98 -6.71 -8.23 2.45
N LYS B 99 -6.23 -7.00 2.37
CA LYS B 99 -7.02 -5.91 1.82
C LYS B 99 -6.72 -5.81 0.33
N ALA B 100 -7.75 -5.89 -0.50
CA ALA B 100 -7.60 -5.67 -1.93
C ALA B 100 -8.08 -4.27 -2.29
N VAL B 101 -7.17 -3.49 -2.83
CA VAL B 101 -7.45 -2.14 -3.29
C VAL B 101 -7.42 -2.13 -4.81
N VAL B 102 -8.46 -1.56 -5.42
CA VAL B 102 -8.44 -1.39 -6.88
C VAL B 102 -8.68 0.07 -7.18
N GLY B 103 -7.87 0.66 -8.05
CA GLY B 103 -7.97 2.08 -8.33
C GLY B 103 -7.78 2.89 -7.06
N ASP B 104 -8.80 3.66 -6.68
CA ASP B 104 -8.70 4.56 -5.53
C ASP B 104 -9.43 4.10 -4.28
N ALA B 105 -9.94 2.87 -4.27
CA ALA B 105 -10.71 2.43 -3.11
C ALA B 105 -10.43 0.99 -2.72
N GLN B 106 -10.50 0.71 -1.42
CA GLN B 106 -10.49 -0.67 -0.94
C GLN B 106 -11.73 -1.38 -1.47
N TYR B 107 -11.51 -2.48 -2.17
CA TYR B 107 -12.58 -3.20 -2.83
C TYR B 107 -13.16 -4.28 -1.89
N HIS B 108 -12.30 -4.99 -1.18
CA HIS B 108 -12.75 -6.09 -0.34
C HIS B 108 -11.68 -6.45 0.69
N HIS B 109 -12.11 -6.96 1.83
CA HIS B 109 -11.22 -7.47 2.84
C HIS B 109 -11.46 -8.97 3.00
N PHE B 110 -10.43 -9.75 2.70
CA PHE B 110 -10.50 -11.20 2.74
C PHE B 110 -9.83 -11.68 4.01
N ARG B 111 -10.60 -12.18 4.95
CA ARG B 111 -9.99 -12.69 6.19
C ARG B 111 -9.13 -13.91 5.94
N HIS B 112 -8.03 -14.03 6.68
CA HIS B 112 -7.13 -15.16 6.51
C HIS B 112 -7.83 -16.47 6.81
N ARG B 113 -7.65 -17.44 5.91
CA ARG B 113 -8.10 -18.81 6.14
C ARG B 113 -6.91 -19.71 6.46
N LEU B 114 -5.86 -19.59 5.65
CA LEU B 114 -4.59 -20.26 5.91
C LEU B 114 -3.71 -19.28 6.67
N PRO B 115 -2.76 -19.79 7.45
CA PRO B 115 -1.83 -18.88 8.13
C PRO B 115 -1.07 -18.00 7.14
N LEU B 116 -1.04 -16.70 7.41
CA LEU B 116 -0.29 -15.76 6.58
C LEU B 116 1.15 -16.19 6.42
N ALA B 117 1.72 -16.78 7.47
CA ALA B 117 3.11 -17.22 7.44
C ALA B 117 3.38 -18.36 6.45
N ARG B 118 2.34 -18.93 5.86
CA ARG B 118 2.53 -19.97 4.85
C ARG B 118 2.81 -19.44 3.44
N VAL B 119 2.49 -18.16 3.19
CA VAL B 119 2.61 -17.65 1.82
C VAL B 119 4.08 -17.53 1.37
N ARG B 120 4.36 -18.04 0.17
CA ARG B 120 5.72 -18.03 -0.36
C ARG B 120 5.84 -17.56 -1.80
N LEU B 121 4.74 -17.37 -2.50
CA LEU B 121 4.78 -17.13 -3.95
C LEU B 121 3.58 -16.34 -4.39
N VAL B 122 3.80 -15.37 -5.29
CA VAL B 122 2.71 -14.68 -5.98
C VAL B 122 2.70 -15.14 -7.44
N GLU B 123 1.53 -15.57 -7.93
CA GLU B 123 1.38 -15.95 -9.32
C GLU B 123 0.27 -15.09 -9.92
N VAL B 124 0.49 -14.56 -11.12
CA VAL B 124 -0.55 -13.86 -11.85
C VAL B 124 -0.79 -14.63 -13.15
N GLY B 125 -2.03 -15.05 -13.36
CA GLY B 125 -2.37 -15.83 -14.55
C GLY B 125 -3.63 -15.38 -15.25
N GLY B 126 -3.93 -16.03 -16.38
CA GLY B 126 -5.13 -15.72 -17.14
C GLY B 126 -4.99 -14.62 -18.17
N ASP B 127 -6.11 -13.98 -18.52
CA ASP B 127 -6.17 -12.99 -19.60
C ASP B 127 -5.80 -11.59 -19.11
N VAL B 128 -4.50 -11.31 -19.05
CA VAL B 128 -4.04 -10.03 -18.53
C VAL B 128 -2.67 -9.68 -19.11
N GLN B 129 -2.48 -8.40 -19.39
CA GLN B 129 -1.17 -7.89 -19.73
C GLN B 129 -0.53 -7.31 -18.48
N LEU B 130 0.43 -8.03 -17.93
CA LEU B 130 1.05 -7.61 -16.69
C LEU B 130 2.20 -6.65 -16.98
N ASP B 131 2.17 -5.48 -16.37
CA ASP B 131 3.27 -4.53 -16.48
C ASP B 131 4.32 -4.80 -15.43
N SER B 132 3.87 -4.95 -14.18
CA SER B 132 4.79 -5.21 -13.08
C SER B 132 4.07 -5.74 -11.85
N VAL B 133 4.77 -6.59 -11.11
CA VAL B 133 4.38 -7.00 -9.77
C VAL B 133 5.53 -6.58 -8.87
N ARG B 134 5.23 -5.78 -7.86
CA ARG B 134 6.26 -5.32 -6.95
C ARG B 134 5.86 -5.64 -5.53
N ILE B 135 6.85 -5.98 -4.71
CA ILE B 135 6.61 -6.28 -3.32
C ILE B 135 7.29 -5.22 -2.46
N PHE B 136 6.49 -4.50 -1.68
CA PHE B 136 7.02 -3.47 -0.80
C PHE B 136 6.81 -3.86 0.66
O40 50G C . 11.31 23.63 11.28
C37 50G C . 11.54 22.20 10.91
C36 50G C . 10.46 21.37 11.36
O41 50G C . 9.20 21.72 10.68
C35 50G C . 10.74 19.92 11.19
O42 50G C . 10.86 19.61 9.78
C34 50G C . 12.04 19.53 11.92
C38 50G C . 12.42 18.17 11.69
O39 50G C . 13.58 17.92 12.44
O33 50G C . 13.11 20.40 11.31
C32 50G C . 12.83 21.82 11.52
N30 50G C . 13.88 22.54 10.84
C29 50G C . 14.89 23.26 11.42
N31 50G C . 14.01 22.60 9.54
N28 50G C . 15.06 23.32 9.19
C27 50G C . 15.66 23.78 10.32
C26 50G C . 16.92 24.65 10.40
O25 50G C . 18.00 23.82 10.78
C22 50G C . 18.84 23.22 9.79
C21 50G C . 20.19 23.42 9.84
C23 50G C . 20.69 24.22 11.01
O43 50G C . 19.98 25.42 11.07
N24 50G C . 20.98 22.36 9.29
C20 50G C . 20.48 24.47 8.73
O19 50G C . 21.79 24.28 8.25
C18 50G C . 22.05 24.77 6.94
C17 50G C . 21.35 26.12 6.80
C14 50G C . 20.23 26.41 5.96
N16 50G C . 21.64 27.28 7.44
N15 50G C . 20.79 28.22 7.04
N13 50G C . 19.95 27.75 6.16
C4 50G C . 18.91 28.45 5.55
O5 50G C . 19.42 29.68 4.96
C6 50G C . 18.32 30.48 4.35
C11 50G C . 18.91 31.74 3.83
O12 50G C . 19.75 31.47 2.73
C7 50G C . 17.25 30.76 5.40
O8 50G C . 17.83 31.62 6.42
C2 50G C . 16.78 29.51 6.03
O9 50G C . 15.76 29.81 7.05
C3 50G C . 17.90 28.79 6.63
O10 50G C . 17.50 27.59 7.32
#